data_7PRM
#
_entry.id   7PRM
#
_cell.length_a   89.967
_cell.length_b   127.448
_cell.length_c   63.033
_cell.angle_alpha   90
_cell.angle_beta   90
_cell.angle_gamma   90
#
_symmetry.space_group_name_H-M   'C 2 2 21'
#
loop_
_entity.id
_entity.type
_entity.pdbx_description
1 polymer 'Monoglyceride lipase'
2 non-polymer (4~{R})-1-[4-(4-fluorophenyl)phenyl]-4-[4-(furan-2-ylcarbonyl)piperazin-1-yl]pyrrolidin-2-one
3 non-polymer 1,2-ETHANEDIOL
4 water water
#
_entity_poly.entity_id   1
_entity_poly.type   'polypeptide(L)'
_entity_poly.pdbx_seq_one_letter_code
;MGSSHHHHHHSSGENLYFQGMPEESSPRRTPQSIPYQDLPHLVNADGQYLFCRYWAPTGTPKALIFVSHGAGEHSGRYEE
LARMLMGLDLLVFAHDHVGHGQSEGERMVVSDFHVFVRDVLQHVDSMQKDYPGLPVFLLGHSMGGAIAILTAAERPGHFA
GMVLISPLVLANPESATTFKVLAAKVLNSVLPNLSSGPIDSSVLSRNKTEVDIYNSDPLICRAGLKVCFGIQLLNAVSRV
ERALPKLTVPFLLLQGSADRLCDSKGAYLLMELAKSQDKTLKIYEGAYHVLHKELPEVTNSVFHEINMWVSQRTATAGTA
SPP
;
_entity_poly.pdbx_strand_id   A
#
# COMPACT_ATOMS: atom_id res chain seq x y z
N MET A 21 25.56 4.84 38.30
CA MET A 21 24.26 4.31 37.88
C MET A 21 24.00 4.60 36.42
N PRO A 22 23.73 3.55 35.63
CA PRO A 22 23.43 3.76 34.21
C PRO A 22 22.08 4.44 34.04
N GLU A 23 21.92 5.14 32.92
CA GLU A 23 20.69 5.86 32.64
C GLU A 23 20.17 5.45 31.29
N GLU A 24 18.85 5.51 31.12
CA GLU A 24 18.25 5.18 29.83
C GLU A 24 18.53 6.32 28.84
N SER A 25 18.81 5.95 27.57
CA SER A 25 19.07 6.89 26.50
C SER A 25 17.81 7.71 26.17
N SER A 26 18.02 8.88 25.56
CA SER A 26 16.98 9.82 25.13
C SER A 26 15.89 9.10 24.31
N PRO A 27 14.61 9.47 24.52
CA PRO A 27 13.52 8.75 23.85
C PRO A 27 13.65 8.71 22.33
N ARG A 28 13.36 7.55 21.76
CA ARG A 28 13.38 7.35 20.32
C ARG A 28 12.28 8.17 19.69
N ARG A 29 12.60 8.89 18.61
CA ARG A 29 11.65 9.79 17.95
C ARG A 29 11.45 9.49 16.47
N THR A 30 10.31 9.91 15.94
CA THR A 30 10.01 9.78 14.53
C THR A 30 10.97 10.69 13.74
N PRO A 31 11.04 10.55 12.40
CA PRO A 31 11.87 11.47 11.63
C PRO A 31 11.38 12.93 11.77
N GLN A 32 10.15 13.14 12.29
CA GLN A 32 9.63 14.50 12.53
C GLN A 32 9.81 14.94 14.00
N SER A 33 10.62 14.22 14.79
CA SER A 33 11.01 14.51 16.17
C SER A 33 9.93 14.28 17.24
N ILE A 34 8.92 13.44 16.96
CA ILE A 34 7.91 13.17 17.99
C ILE A 34 8.31 11.86 18.66
N PRO A 35 8.38 11.82 20.01
CA PRO A 35 8.76 10.56 20.68
C PRO A 35 7.78 9.44 20.35
N TYR A 36 8.28 8.24 19.98
CA TYR A 36 7.40 7.11 19.70
C TYR A 36 6.59 6.74 20.94
N GLN A 37 7.08 7.09 22.16
CA GLN A 37 6.32 6.80 23.38
C GLN A 37 5.01 7.58 23.45
N ASP A 38 4.87 8.66 22.66
CA ASP A 38 3.62 9.42 22.59
C ASP A 38 2.70 8.97 21.45
N LEU A 39 3.06 7.92 20.68
CA LEU A 39 2.29 7.51 19.52
C LEU A 39 2.02 6.01 19.49
N PRO A 40 0.94 5.55 18.81
CA PRO A 40 0.78 4.11 18.65
C PRO A 40 1.93 3.62 17.74
N HIS A 41 2.58 2.52 18.11
CA HIS A 41 3.73 2.05 17.35
C HIS A 41 3.93 0.54 17.45
N LEU A 42 4.84 0.02 16.64
CA LEU A 42 5.22 -1.39 16.59
C LEU A 42 6.73 -1.42 16.26
N VAL A 43 7.50 -2.36 16.83
CA VAL A 43 8.91 -2.47 16.47
C VAL A 43 9.05 -3.69 15.55
N ASN A 44 9.54 -3.48 14.33
CA ASN A 44 9.63 -4.57 13.37
C ASN A 44 10.82 -5.53 13.66
N ALA A 45 10.98 -6.58 12.84
CA ALA A 45 12.05 -7.60 13.04
C ALA A 45 13.47 -7.02 12.98
N ASP A 46 13.65 -5.91 12.29
CA ASP A 46 14.93 -5.23 12.17
C ASP A 46 15.15 -4.18 13.29
N GLY A 47 14.23 -4.08 14.25
CA GLY A 47 14.35 -3.12 15.34
C GLY A 47 13.96 -1.70 14.98
N GLN A 48 13.24 -1.52 13.88
CA GLN A 48 12.79 -0.19 13.44
C GLN A 48 11.38 0.06 13.92
N TYR A 49 11.11 1.27 14.40
CA TYR A 49 9.79 1.63 14.86
C TYR A 49 8.89 2.00 13.71
N LEU A 50 7.71 1.42 13.65
CA LEU A 50 6.70 1.74 12.66
C LEU A 50 5.57 2.49 13.37
N PHE A 51 5.17 3.63 12.82
CA PHE A 51 4.07 4.38 13.37
C PHE A 51 2.76 3.67 12.96
N CYS A 52 1.83 3.49 13.92
CA CYS A 52 0.56 2.82 13.70
C CYS A 52 -0.66 3.71 13.82
N ARG A 53 -1.77 3.30 13.18
CA ARG A 53 -3.07 3.99 13.24
C ARG A 53 -4.18 2.96 13.42
N TYR A 54 -5.18 3.33 14.21
CA TYR A 54 -6.31 2.47 14.51
C TYR A 54 -7.62 3.25 14.42
N TRP A 55 -8.65 2.61 13.86
CA TRP A 55 -9.98 3.21 13.76
C TRP A 55 -10.93 2.09 14.18
N ALA A 56 -11.36 2.09 15.43
CA ALA A 56 -12.17 1.03 15.99
C ALA A 56 -13.61 1.43 16.26
N PRO A 57 -14.58 0.55 15.96
CA PRO A 57 -15.99 0.87 16.27
C PRO A 57 -16.28 0.81 17.77
N THR A 58 -17.43 1.36 18.17
CA THR A 58 -17.82 1.40 19.58
C THR A 58 -18.22 0.02 20.11
N GLY A 59 -18.80 -0.81 19.25
CA GLY A 59 -19.20 -2.15 19.64
C GLY A 59 -18.16 -3.21 19.35
N THR A 60 -18.60 -4.46 19.20
CA THR A 60 -17.70 -5.56 18.88
C THR A 60 -17.51 -5.56 17.36
N PRO A 61 -16.27 -5.58 16.88
CA PRO A 61 -16.05 -5.52 15.43
C PRO A 61 -16.46 -6.79 14.72
N LYS A 62 -16.93 -6.64 13.49
CA LYS A 62 -17.34 -7.75 12.63
C LYS A 62 -16.11 -8.41 11.97
N ALA A 63 -15.03 -7.63 11.75
CA ALA A 63 -13.82 -8.08 11.07
C ALA A 63 -12.69 -7.05 11.28
N LEU A 64 -11.46 -7.41 10.96
CA LEU A 64 -10.31 -6.50 10.97
C LEU A 64 -9.96 -6.20 9.52
N ILE A 65 -9.44 -5.00 9.22
CA ILE A 65 -8.98 -4.69 7.88
C ILE A 65 -7.67 -3.89 7.95
N PHE A 66 -6.62 -4.40 7.30
CA PHE A 66 -5.35 -3.67 7.27
C PHE A 66 -5.32 -2.79 6.04
N VAL A 67 -4.93 -1.51 6.18
CA VAL A 67 -4.80 -0.58 5.06
C VAL A 67 -3.32 -0.42 4.71
N SER A 68 -2.96 -0.76 3.47
CA SER A 68 -1.57 -0.74 3.03
C SER A 68 -1.35 0.43 2.02
N HIS A 69 -0.60 1.48 2.44
CA HIS A 69 -0.34 2.64 1.58
C HIS A 69 0.78 2.32 0.56
N GLY A 70 0.98 3.22 -0.40
CA GLY A 70 1.99 3.06 -1.44
C GLY A 70 3.26 3.88 -1.27
N ALA A 71 4.12 3.81 -2.29
CA ALA A 71 5.41 4.47 -2.33
C ALA A 71 5.25 5.97 -2.20
N GLY A 72 6.07 6.55 -1.34
CA GLY A 72 6.15 7.98 -1.10
C GLY A 72 5.08 8.57 -0.23
N GLU A 73 4.03 7.77 0.10
CA GLU A 73 2.94 8.34 0.91
C GLU A 73 2.95 7.73 2.32
N HIS A 74 1.80 7.73 3.00
CA HIS A 74 1.72 7.30 4.39
C HIS A 74 0.26 6.99 4.75
N SER A 75 0.03 6.36 5.90
CA SER A 75 -1.31 5.88 6.29
C SER A 75 -2.35 6.99 6.50
N GLY A 76 -1.90 8.20 6.79
CA GLY A 76 -2.78 9.33 7.05
C GLY A 76 -3.60 9.76 5.83
N ARG A 77 -3.13 9.38 4.64
CA ARG A 77 -3.82 9.66 3.38
C ARG A 77 -5.13 8.86 3.22
N TYR A 78 -5.36 7.87 4.10
CA TYR A 78 -6.51 6.98 4.06
C TYR A 78 -7.54 7.28 5.14
N GLU A 79 -7.47 8.45 5.78
CA GLU A 79 -8.39 8.82 6.85
C GLU A 79 -9.86 8.62 6.52
N GLU A 80 -10.36 9.21 5.42
CA GLU A 80 -11.78 9.08 5.09
C GLU A 80 -12.19 7.66 4.74
N LEU A 81 -11.39 6.94 3.96
CA LEU A 81 -11.70 5.56 3.61
C LEU A 81 -11.74 4.68 4.89
N ALA A 82 -10.77 4.89 5.82
CA ALA A 82 -10.74 4.14 7.08
C ALA A 82 -11.98 4.45 7.91
N ARG A 83 -12.41 5.73 7.99
CA ARG A 83 -13.60 6.06 8.76
C ARG A 83 -14.87 5.47 8.16
N MET A 84 -14.92 5.29 6.84
CA MET A 84 -16.07 4.67 6.18
C MET A 84 -16.11 3.20 6.60
N LEU A 85 -14.94 2.51 6.57
CA LEU A 85 -14.82 1.11 6.95
C LEU A 85 -15.17 0.91 8.43
N MET A 86 -14.75 1.83 9.30
CA MET A 86 -15.08 1.76 10.73
CA MET A 86 -15.08 1.77 10.73
C MET A 86 -16.60 1.90 10.92
N GLY A 87 -17.25 2.72 10.09
CA GLY A 87 -18.70 2.91 10.11
C GLY A 87 -19.47 1.64 9.75
N LEU A 88 -18.80 0.68 9.08
CA LEU A 88 -19.36 -0.63 8.77
C LEU A 88 -19.13 -1.65 9.90
N ASP A 89 -18.60 -1.19 11.05
CA ASP A 89 -18.28 -1.94 12.24
C ASP A 89 -17.09 -2.86 12.06
N LEU A 90 -16.11 -2.46 11.22
CA LEU A 90 -14.84 -3.16 11.07
C LEU A 90 -13.76 -2.40 11.88
N LEU A 91 -12.76 -3.11 12.43
CA LEU A 91 -11.66 -2.43 13.13
C LEU A 91 -10.55 -2.27 12.10
N VAL A 92 -10.29 -1.05 11.70
CA VAL A 92 -9.29 -0.72 10.68
C VAL A 92 -7.97 -0.44 11.37
N PHE A 93 -6.89 -0.92 10.80
CA PHE A 93 -5.56 -0.68 11.31
C PHE A 93 -4.60 -0.49 10.18
N ALA A 94 -3.51 0.21 10.44
CA ALA A 94 -2.52 0.53 9.43
C ALA A 94 -1.19 0.86 10.13
N HIS A 95 -0.10 0.91 9.35
CA HIS A 95 1.16 1.45 9.78
C HIS A 95 1.80 2.13 8.59
N ASP A 96 2.73 3.05 8.83
CA ASP A 96 3.52 3.61 7.75
C ASP A 96 4.62 2.61 7.48
N HIS A 97 4.80 2.23 6.21
CA HIS A 97 5.86 1.25 5.89
C HIS A 97 7.24 1.84 6.21
N VAL A 98 8.27 0.98 6.36
CA VAL A 98 9.64 1.45 6.60
CA VAL A 98 9.66 1.40 6.57
C VAL A 98 10.07 2.45 5.51
N GLY A 99 10.75 3.52 5.95
CA GLY A 99 11.18 4.59 5.08
C GLY A 99 10.05 5.52 4.66
N HIS A 100 8.89 5.44 5.32
CA HIS A 100 7.75 6.28 4.96
C HIS A 100 7.13 6.98 6.15
N GLY A 101 6.48 8.11 5.88
CA GLY A 101 5.73 8.86 6.89
C GLY A 101 6.43 9.05 8.23
N GLN A 102 5.77 8.57 9.29
CA GLN A 102 6.28 8.72 10.65
C GLN A 102 7.04 7.49 11.17
N SER A 103 7.28 6.50 10.31
CA SER A 103 8.06 5.33 10.68
C SER A 103 9.54 5.62 10.47
N GLU A 104 10.41 4.77 11.03
CA GLU A 104 11.84 4.91 10.87
C GLU A 104 12.32 4.37 9.50
N GLY A 105 13.58 4.64 9.20
CA GLY A 105 14.22 4.14 8.00
C GLY A 105 14.65 5.28 7.10
N GLU A 106 15.73 5.06 6.32
CA GLU A 106 16.16 6.02 5.30
C GLU A 106 14.99 6.19 4.30
N ARG A 107 14.54 7.44 4.06
CA ARG A 107 13.38 7.68 3.20
C ARG A 107 13.42 6.94 1.88
N MET A 108 12.36 6.18 1.61
CA MET A 108 12.18 5.41 0.38
CA MET A 108 12.25 5.46 0.35
C MET A 108 13.41 4.53 0.06
N VAL A 109 13.83 3.78 1.06
CA VAL A 109 14.90 2.81 0.97
C VAL A 109 14.29 1.54 1.61
N VAL A 110 14.54 0.38 1.00
CA VAL A 110 14.13 -0.89 1.58
C VAL A 110 15.18 -1.93 1.22
N SER A 111 15.66 -2.71 2.21
CA SER A 111 16.71 -3.71 1.92
C SER A 111 16.20 -4.74 0.91
N ASP A 112 14.94 -5.14 1.05
CA ASP A 112 14.26 -6.04 0.12
C ASP A 112 12.77 -5.81 0.26
N PHE A 113 12.04 -5.83 -0.86
CA PHE A 113 10.59 -5.64 -0.88
C PHE A 113 9.84 -6.49 0.15
N HIS A 114 10.35 -7.70 0.43
CA HIS A 114 9.70 -8.60 1.38
C HIS A 114 9.60 -8.00 2.78
N VAL A 115 10.45 -7.02 3.13
CA VAL A 115 10.38 -6.34 4.42
C VAL A 115 8.98 -5.77 4.64
N PHE A 116 8.41 -5.18 3.58
CA PHE A 116 7.07 -4.60 3.66
C PHE A 116 6.03 -5.69 4.00
N VAL A 117 6.11 -6.83 3.32
CA VAL A 117 5.18 -7.93 3.53
C VAL A 117 5.35 -8.53 4.96
N ARG A 118 6.60 -8.74 5.37
CA ARG A 118 6.92 -9.26 6.70
C ARG A 118 6.32 -8.38 7.78
N ASP A 119 6.43 -7.04 7.62
CA ASP A 119 5.94 -6.08 8.61
C ASP A 119 4.43 -6.06 8.68
N VAL A 120 3.75 -6.16 7.51
CA VAL A 120 2.27 -6.26 7.48
C VAL A 120 1.86 -7.53 8.24
N LEU A 121 2.53 -8.64 7.98
CA LEU A 121 2.21 -9.90 8.66
C LEU A 121 2.41 -9.83 10.17
N GLN A 122 3.46 -9.13 10.64
CA GLN A 122 3.69 -8.98 12.07
C GLN A 122 2.54 -8.17 12.68
N HIS A 123 2.11 -7.08 12.04
CA HIS A 123 1.02 -6.28 12.57
C HIS A 123 -0.31 -7.09 12.58
N VAL A 124 -0.61 -7.80 11.48
CA VAL A 124 -1.82 -8.64 11.40
C VAL A 124 -1.78 -9.70 12.51
N ASP A 125 -0.64 -10.37 12.67
CA ASP A 125 -0.52 -11.41 13.70
C ASP A 125 -0.73 -10.85 15.10
N SER A 126 -0.20 -9.65 15.34
CA SER A 126 -0.33 -8.93 16.61
CA SER A 126 -0.34 -8.95 16.61
C SER A 126 -1.80 -8.62 16.88
N MET A 127 -2.51 -8.07 15.87
CA MET A 127 -3.93 -7.73 15.98
C MET A 127 -4.83 -8.96 16.16
N GLN A 128 -4.53 -10.08 15.48
CA GLN A 128 -5.33 -11.30 15.63
C GLN A 128 -5.20 -11.92 17.02
N LYS A 129 -4.12 -11.62 17.74
CA LYS A 129 -3.92 -12.07 19.09
C LYS A 129 -4.88 -11.30 20.00
N ASP A 130 -4.95 -9.98 19.85
CA ASP A 130 -5.83 -9.14 20.67
C ASP A 130 -7.31 -9.36 20.34
N TYR A 131 -7.63 -9.71 19.07
CA TYR A 131 -9.01 -9.93 18.64
C TYR A 131 -9.11 -11.27 17.92
N PRO A 132 -9.07 -12.40 18.65
CA PRO A 132 -9.12 -13.71 17.98
C PRO A 132 -10.50 -14.06 17.47
N GLY A 133 -10.53 -14.93 16.45
CA GLY A 133 -11.75 -15.37 15.82
C GLY A 133 -12.21 -14.50 14.66
N LEU A 134 -11.78 -13.22 14.65
CA LEU A 134 -12.23 -12.31 13.59
C LEU A 134 -11.59 -12.52 12.23
N PRO A 135 -12.38 -12.42 11.15
CA PRO A 135 -11.80 -12.47 9.81
C PRO A 135 -10.94 -11.23 9.55
N VAL A 136 -9.92 -11.35 8.70
CA VAL A 136 -9.05 -10.22 8.40
C VAL A 136 -8.97 -9.93 6.89
N PHE A 137 -9.19 -8.68 6.53
CA PHE A 137 -9.13 -8.25 5.14
C PHE A 137 -7.88 -7.37 4.92
N LEU A 138 -7.51 -7.16 3.66
CA LEU A 138 -6.43 -6.28 3.27
C LEU A 138 -6.98 -5.27 2.28
N LEU A 139 -6.51 -4.03 2.34
CA LEU A 139 -6.88 -3.01 1.37
C LEU A 139 -5.56 -2.37 0.99
N GLY A 140 -5.23 -2.36 -0.29
CA GLY A 140 -3.98 -1.73 -0.73
C GLY A 140 -4.13 -0.90 -1.99
N HIS A 141 -3.36 0.18 -2.10
CA HIS A 141 -3.34 1.00 -3.29
C HIS A 141 -1.94 0.99 -3.88
N SER A 142 -1.81 0.78 -5.22
CA SER A 142 -0.54 0.99 -5.92
C SER A 142 0.57 0.06 -5.36
N MET A 143 1.74 0.56 -4.88
CA MET A 143 2.73 -0.35 -4.26
C MET A 143 2.10 -1.11 -3.08
N GLY A 144 1.20 -0.44 -2.35
CA GLY A 144 0.51 -1.07 -1.23
C GLY A 144 -0.38 -2.23 -1.64
N GLY A 145 -0.82 -2.22 -2.91
CA GLY A 145 -1.62 -3.26 -3.52
C GLY A 145 -0.76 -4.45 -3.87
N ALA A 146 0.48 -4.21 -4.34
CA ALA A 146 1.45 -5.28 -4.59
C ALA A 146 1.78 -5.94 -3.25
N ILE A 147 1.95 -5.14 -2.17
CA ILE A 147 2.21 -5.69 -0.82
C ILE A 147 1.04 -6.57 -0.39
N ALA A 148 -0.20 -6.06 -0.58
CA ALA A 148 -1.39 -6.82 -0.21
C ALA A 148 -1.47 -8.14 -0.97
N ILE A 149 -1.18 -8.14 -2.29
CA ILE A 149 -1.21 -9.39 -3.08
C ILE A 149 -0.17 -10.39 -2.51
N LEU A 150 1.05 -9.92 -2.26
CA LEU A 150 2.12 -10.78 -1.76
C LEU A 150 1.81 -11.30 -0.35
N THR A 151 1.17 -10.49 0.49
CA THR A 151 0.81 -10.89 1.85
C THR A 151 -0.21 -12.02 1.80
N ALA A 152 -1.22 -11.87 0.94
CA ALA A 152 -2.24 -12.90 0.78
C ALA A 152 -1.62 -14.15 0.18
N ALA A 153 -0.72 -14.01 -0.82
CA ALA A 153 -0.12 -15.18 -1.46
C ALA A 153 0.75 -15.97 -0.47
N GLU A 154 1.38 -15.30 0.48
CA GLU A 154 2.22 -15.96 1.47
C GLU A 154 1.38 -16.79 2.45
N ARG A 155 0.10 -16.42 2.68
CA ARG A 155 -0.75 -17.14 3.61
C ARG A 155 -2.07 -17.54 2.93
N PRO A 156 -2.05 -18.50 1.98
CA PRO A 156 -3.31 -18.87 1.30
C PRO A 156 -4.33 -19.41 2.29
N GLY A 157 -5.55 -18.90 2.16
CA GLY A 157 -6.68 -19.27 2.99
C GLY A 157 -6.85 -18.47 4.26
N HIS A 158 -5.86 -17.64 4.62
CA HIS A 158 -5.89 -16.90 5.87
C HIS A 158 -6.74 -15.60 5.82
N PHE A 159 -6.69 -14.87 4.69
CA PHE A 159 -7.41 -13.61 4.60
C PHE A 159 -8.82 -13.79 4.05
N ALA A 160 -9.80 -13.08 4.62
CA ALA A 160 -11.18 -13.15 4.18
C ALA A 160 -11.43 -12.45 2.84
N GLY A 161 -10.62 -11.45 2.51
CA GLY A 161 -10.79 -10.69 1.27
C GLY A 161 -9.75 -9.60 1.12
N MET A 162 -9.62 -9.10 -0.09
CA MET A 162 -8.65 -8.06 -0.38
CA MET A 162 -8.64 -8.05 -0.44
C MET A 162 -9.30 -7.02 -1.30
N VAL A 163 -9.11 -5.72 -1.02
CA VAL A 163 -9.62 -4.63 -1.83
C VAL A 163 -8.38 -3.98 -2.44
N LEU A 164 -8.30 -3.93 -3.77
CA LEU A 164 -7.13 -3.38 -4.43
C LEU A 164 -7.53 -2.15 -5.25
N ILE A 165 -6.90 -1.03 -5.00
CA ILE A 165 -7.15 0.20 -5.75
C ILE A 165 -5.93 0.41 -6.60
N SER A 166 -6.04 0.20 -7.95
CA SER A 166 -4.92 0.35 -8.90
CA SER A 166 -4.92 0.40 -8.89
C SER A 166 -3.63 -0.27 -8.38
N PRO A 167 -3.64 -1.60 -8.14
CA PRO A 167 -2.43 -2.24 -7.60
C PRO A 167 -1.29 -2.29 -8.60
N LEU A 168 -0.05 -2.26 -8.10
CA LEU A 168 1.13 -2.41 -8.95
C LEU A 168 1.23 -3.88 -9.37
N VAL A 169 0.72 -4.19 -10.56
CA VAL A 169 0.74 -5.55 -11.10
C VAL A 169 1.67 -5.53 -12.31
N LEU A 170 1.41 -4.62 -13.26
CA LEU A 170 2.27 -4.36 -14.41
C LEU A 170 2.57 -2.87 -14.37
N ALA A 171 3.86 -2.49 -14.40
CA ALA A 171 4.22 -1.09 -14.42
C ALA A 171 3.90 -0.52 -15.81
N ASN A 172 3.79 0.81 -15.92
CA ASN A 172 3.62 1.50 -17.19
C ASN A 172 4.87 1.17 -18.04
N PRO A 173 4.72 0.64 -19.26
CA PRO A 173 5.90 0.25 -20.05
C PRO A 173 7.01 1.29 -20.15
N GLU A 174 6.65 2.59 -20.22
CA GLU A 174 7.65 3.65 -20.27
C GLU A 174 8.42 3.77 -18.96
N SER A 175 7.72 3.72 -17.82
CA SER A 175 8.38 3.81 -16.52
CA SER A 175 8.38 3.81 -16.52
C SER A 175 9.19 2.54 -16.21
N ALA A 176 8.78 1.38 -16.75
CA ALA A 176 9.48 0.13 -16.53
C ALA A 176 10.82 0.15 -17.29
N THR A 177 10.80 0.66 -18.53
CA THR A 177 11.97 0.77 -19.40
C THR A 177 13.02 1.71 -18.78
N THR A 178 12.56 2.86 -18.25
CA THR A 178 13.42 3.85 -17.60
C THR A 178 14.14 3.22 -16.41
N PHE A 179 13.40 2.46 -15.59
CA PHE A 179 13.98 1.82 -14.43
C PHE A 179 14.84 0.60 -14.77
N LYS A 180 14.56 -0.09 -15.89
CA LYS A 180 15.41 -1.21 -16.32
C LYS A 180 16.73 -0.72 -16.93
N VAL A 181 16.74 0.51 -17.48
CA VAL A 181 17.93 1.16 -18.03
C VAL A 181 18.77 1.76 -16.86
N LEU A 182 18.10 2.31 -15.84
CA LEU A 182 18.80 2.85 -14.69
C LEU A 182 19.35 1.73 -13.80
N ALA A 183 18.63 0.59 -13.73
CA ALA A 183 19.11 -0.56 -12.96
C ALA A 183 20.37 -1.13 -13.59
N ALA A 184 20.46 -1.12 -14.93
CA ALA A 184 21.60 -1.59 -15.71
C ALA A 184 22.93 -1.04 -15.18
N LYS A 185 22.93 0.23 -14.76
CA LYS A 185 24.14 0.86 -14.23
C LYS A 185 24.45 0.43 -12.79
N VAL A 186 23.46 0.51 -11.90
CA VAL A 186 23.58 0.18 -10.48
C VAL A 186 23.93 -1.29 -10.22
N LEU A 187 23.26 -2.22 -10.93
CA LEU A 187 23.49 -3.66 -10.79
C LEU A 187 24.89 -4.07 -11.24
N ASN A 188 25.48 -3.34 -12.19
CA ASN A 188 26.81 -3.67 -12.71
C ASN A 188 27.94 -2.78 -12.20
N SER A 189 27.60 -1.71 -11.46
CA SER A 189 28.61 -0.78 -10.94
CA SER A 189 28.61 -0.79 -10.94
C SER A 189 28.20 -0.23 -9.55
N VAL A 190 29.07 0.58 -8.91
CA VAL A 190 28.74 1.14 -7.59
C VAL A 190 28.28 2.58 -7.78
N LEU A 191 26.97 2.84 -7.73
CA LEU A 191 26.45 4.20 -7.90
C LEU A 191 25.35 4.40 -6.85
N PRO A 192 25.75 4.73 -5.61
CA PRO A 192 24.76 4.83 -4.52
C PRO A 192 23.75 5.97 -4.58
N ASN A 193 24.10 7.07 -5.24
CA ASN A 193 23.21 8.23 -5.30
C ASN A 193 22.32 8.28 -6.55
N LEU A 194 22.49 7.35 -7.50
CA LEU A 194 21.71 7.33 -8.73
C LEU A 194 20.20 7.27 -8.47
N SER A 195 19.45 8.20 -9.07
CA SER A 195 17.99 8.31 -8.90
C SER A 195 17.32 8.74 -10.20
N SER A 196 16.03 8.45 -10.33
CA SER A 196 15.23 8.91 -11.46
C SER A 196 14.48 10.20 -11.01
N GLY A 197 13.59 10.72 -11.85
CA GLY A 197 12.81 11.90 -11.50
C GLY A 197 11.80 11.60 -10.41
N PRO A 198 11.23 12.65 -9.80
N PRO A 198 11.23 12.65 -9.80
CA PRO A 198 10.23 12.43 -8.73
CA PRO A 198 10.23 12.43 -8.73
C PRO A 198 8.88 11.94 -9.25
C PRO A 198 8.88 11.94 -9.25
N ILE A 199 8.00 11.48 -8.33
CA ILE A 199 6.65 11.03 -8.67
C ILE A 199 5.86 12.27 -9.16
N ASP A 200 5.41 12.28 -10.43
CA ASP A 200 4.70 13.43 -10.99
C ASP A 200 3.22 13.32 -10.62
N SER A 201 2.80 14.05 -9.58
CA SER A 201 1.43 13.98 -9.07
CA SER A 201 1.43 13.98 -9.07
C SER A 201 0.35 14.50 -10.01
N SER A 202 0.68 15.47 -10.88
CA SER A 202 -0.31 16.04 -11.80
C SER A 202 -0.90 15.03 -12.80
N VAL A 203 -0.16 13.96 -13.11
CA VAL A 203 -0.67 12.95 -14.05
C VAL A 203 -1.30 11.73 -13.32
N LEU A 204 -1.45 11.81 -11.97
CA LEU A 204 -1.99 10.71 -11.20
C LEU A 204 -3.39 10.94 -10.65
N SER A 205 -3.96 12.15 -10.83
CA SER A 205 -5.36 12.41 -10.51
C SER A 205 -5.84 13.58 -11.35
N ARG A 206 -7.07 13.48 -11.89
CA ARG A 206 -7.66 14.62 -12.61
C ARG A 206 -8.18 15.69 -11.61
N ASN A 207 -8.28 15.34 -10.30
CA ASN A 207 -8.77 16.30 -9.31
C ASN A 207 -7.60 17.22 -8.87
N LYS A 208 -7.56 18.42 -9.45
CA LYS A 208 -6.52 19.39 -9.13
C LYS A 208 -6.44 19.73 -7.64
N THR A 209 -7.58 19.74 -6.92
CA THR A 209 -7.54 20.05 -5.47
C THR A 209 -6.76 18.95 -4.73
N GLU A 210 -7.03 17.69 -5.10
CA GLU A 210 -6.32 16.56 -4.51
C GLU A 210 -4.84 16.57 -4.84
N VAL A 211 -4.46 16.96 -6.07
CA VAL A 211 -3.03 17.07 -6.43
C VAL A 211 -2.35 18.13 -5.51
N ASP A 212 -3.01 19.29 -5.35
CA ASP A 212 -2.50 20.37 -4.49
C ASP A 212 -2.36 19.96 -3.03
N ILE A 213 -3.32 19.18 -2.52
CA ILE A 213 -3.28 18.69 -1.16
C ILE A 213 -2.12 17.72 -0.98
N TYR A 214 -1.93 16.79 -1.93
CA TYR A 214 -0.84 15.83 -1.90
C TYR A 214 0.51 16.57 -1.92
N ASN A 215 0.63 17.61 -2.77
CA ASN A 215 1.84 18.41 -2.86
C ASN A 215 2.12 19.28 -1.63
N SER A 216 1.14 19.43 -0.73
CA SER A 216 1.28 20.24 0.48
C SER A 216 1.51 19.46 1.76
N ASP A 217 1.44 18.14 1.69
CA ASP A 217 1.55 17.27 2.84
C ASP A 217 3.04 17.03 3.14
N PRO A 218 3.51 17.53 4.29
CA PRO A 218 4.94 17.37 4.62
C PRO A 218 5.42 15.94 4.82
N LEU A 219 4.49 15.00 5.03
CA LEU A 219 4.85 13.59 5.24
C LEU A 219 5.07 12.80 3.95
N ILE A 220 4.81 13.42 2.78
CA ILE A 220 5.01 12.77 1.49
C ILE A 220 6.46 12.91 1.09
N CYS A 221 7.04 11.88 0.48
CA CYS A 221 8.41 11.98 0.00
C CYS A 221 8.39 12.52 -1.40
N ARG A 222 8.97 13.70 -1.58
CA ARG A 222 8.99 14.39 -2.87
C ARG A 222 10.29 14.18 -3.67
N ALA A 223 11.26 13.44 -3.10
CA ALA A 223 12.52 13.23 -3.81
C ALA A 223 12.32 12.25 -4.98
N GLY A 224 13.25 12.28 -5.94
CA GLY A 224 13.20 11.33 -7.06
C GLY A 224 13.42 9.92 -6.55
N LEU A 225 12.86 8.94 -7.24
CA LEU A 225 12.99 7.55 -6.84
C LEU A 225 14.42 7.09 -6.98
N LYS A 226 15.01 6.61 -5.90
CA LYS A 226 16.37 6.09 -5.92
C LYS A 226 16.38 4.81 -6.75
N VAL A 227 17.42 4.58 -7.56
CA VAL A 227 17.47 3.38 -8.40
C VAL A 227 17.36 2.09 -7.60
N CYS A 228 17.94 2.05 -6.37
CA CYS A 228 17.82 0.85 -5.54
C CYS A 228 16.35 0.58 -5.13
N PHE A 229 15.55 1.64 -4.94
CA PHE A 229 14.13 1.48 -4.60
C PHE A 229 13.31 1.10 -5.86
N GLY A 230 13.69 1.64 -7.02
CA GLY A 230 13.06 1.26 -8.28
C GLY A 230 13.34 -0.19 -8.60
N ILE A 231 14.50 -0.73 -8.18
CA ILE A 231 14.85 -2.13 -8.34
C ILE A 231 13.91 -2.98 -7.49
N GLN A 232 13.64 -2.55 -6.24
CA GLN A 232 12.71 -3.28 -5.38
C GLN A 232 11.27 -3.25 -5.90
N LEU A 233 10.90 -2.17 -6.62
CA LEU A 233 9.57 -2.09 -7.23
C LEU A 233 9.51 -3.04 -8.42
N LEU A 234 10.60 -3.15 -9.20
CA LEU A 234 10.64 -4.09 -10.32
C LEU A 234 10.62 -5.54 -9.76
N ASN A 235 11.25 -5.78 -8.59
CA ASN A 235 11.23 -7.10 -7.91
C ASN A 235 9.79 -7.40 -7.51
N ALA A 236 9.06 -6.42 -6.96
CA ALA A 236 7.68 -6.59 -6.56
C ALA A 236 6.80 -7.01 -7.73
N VAL A 237 7.00 -6.41 -8.92
CA VAL A 237 6.24 -6.78 -10.13
C VAL A 237 6.50 -8.26 -10.51
N SER A 238 7.77 -8.68 -10.46
CA SER A 238 8.17 -10.06 -10.77
CA SER A 238 8.16 -10.06 -10.77
C SER A 238 7.56 -11.03 -9.75
N ARG A 239 7.55 -10.65 -8.47
CA ARG A 239 7.00 -11.49 -7.42
C ARG A 239 5.50 -11.58 -7.50
N VAL A 240 4.83 -10.48 -7.86
CA VAL A 240 3.37 -10.47 -8.03
C VAL A 240 3.00 -11.41 -9.18
N GLU A 241 3.74 -11.36 -10.29
CA GLU A 241 3.51 -12.21 -11.46
C GLU A 241 3.56 -13.68 -11.07
N ARG A 242 4.56 -14.08 -10.25
CA ARG A 242 4.66 -15.46 -9.81
C ARG A 242 3.57 -15.83 -8.82
N ALA A 243 3.12 -14.86 -8.01
CA ALA A 243 2.08 -15.08 -7.01
C ALA A 243 0.69 -15.23 -7.62
N LEU A 244 0.41 -14.59 -8.76
CA LEU A 244 -0.94 -14.62 -9.36
C LEU A 244 -1.55 -16.02 -9.48
N PRO A 245 -0.85 -17.01 -10.06
CA PRO A 245 -1.42 -18.37 -10.14
C PRO A 245 -1.77 -19.01 -8.80
N LYS A 246 -1.21 -18.52 -7.71
CA LYS A 246 -1.46 -19.05 -6.37
C LYS A 246 -2.50 -18.27 -5.57
N LEU A 247 -3.00 -17.13 -6.09
CA LEU A 247 -3.94 -16.33 -5.35
C LEU A 247 -5.30 -17.00 -5.35
N THR A 248 -5.88 -17.18 -4.17
CA THR A 248 -7.24 -17.73 -4.04
C THR A 248 -8.16 -16.82 -3.21
N VAL A 249 -7.61 -15.80 -2.54
CA VAL A 249 -8.38 -14.88 -1.70
C VAL A 249 -9.45 -14.11 -2.50
N PRO A 250 -10.66 -13.91 -1.93
CA PRO A 250 -11.66 -13.07 -2.60
C PRO A 250 -11.13 -11.63 -2.78
N PHE A 251 -11.36 -11.01 -3.97
CA PHE A 251 -10.88 -9.66 -4.15
C PHE A 251 -11.78 -8.81 -5.02
N LEU A 252 -11.73 -7.50 -4.74
CA LEU A 252 -12.39 -6.45 -5.48
C LEU A 252 -11.24 -5.64 -6.05
N LEU A 253 -11.27 -5.43 -7.35
CA LEU A 253 -10.21 -4.74 -8.05
C LEU A 253 -10.76 -3.50 -8.75
N LEU A 254 -10.28 -2.31 -8.35
CA LEU A 254 -10.73 -1.04 -8.94
C LEU A 254 -9.58 -0.47 -9.75
N GLN A 255 -9.82 -0.12 -11.02
CA GLN A 255 -8.74 0.37 -11.88
C GLN A 255 -9.23 1.45 -12.84
N GLY A 256 -8.44 2.52 -13.03
CA GLY A 256 -8.74 3.57 -14.00
C GLY A 256 -8.13 3.21 -15.33
N SER A 257 -8.83 3.54 -16.45
CA SER A 257 -8.32 3.23 -17.77
C SER A 257 -7.17 4.14 -18.20
N ALA A 258 -7.00 5.31 -17.55
CA ALA A 258 -5.96 6.25 -17.93
C ALA A 258 -4.89 6.32 -16.81
N ASP A 259 -4.52 5.15 -16.31
CA ASP A 259 -3.53 5.05 -15.24
C ASP A 259 -2.12 5.09 -15.83
N ARG A 260 -1.37 6.15 -15.49
CA ARG A 260 -0.01 6.34 -16.01
C ARG A 260 1.06 5.58 -15.26
N LEU A 261 0.72 4.93 -14.12
CA LEU A 261 1.74 4.25 -13.32
C LEU A 261 1.56 2.76 -13.32
N CYS A 262 0.36 2.30 -12.93
CA CYS A 262 0.03 0.90 -12.81
C CYS A 262 -0.85 0.62 -13.98
N ASP A 263 -0.23 0.13 -15.06
CA ASP A 263 -0.92 -0.09 -16.33
C ASP A 263 -2.19 -0.92 -16.19
N SER A 264 -3.31 -0.45 -16.78
CA SER A 264 -4.60 -1.14 -16.69
C SER A 264 -4.52 -2.59 -17.17
N LYS A 265 -3.55 -2.90 -18.05
CA LYS A 265 -3.33 -4.29 -18.52
C LYS A 265 -3.04 -5.24 -17.34
N GLY A 266 -2.40 -4.71 -16.29
CA GLY A 266 -2.13 -5.49 -15.09
C GLY A 266 -3.40 -5.88 -14.36
N ALA A 267 -4.42 -5.00 -14.35
CA ALA A 267 -5.68 -5.34 -13.69
C ALA A 267 -6.36 -6.50 -14.45
N TYR A 268 -6.33 -6.45 -15.79
CA TYR A 268 -6.89 -7.53 -16.61
C TYR A 268 -6.09 -8.82 -16.42
N LEU A 269 -4.77 -8.71 -16.29
CA LEU A 269 -3.89 -9.86 -16.06
C LEU A 269 -4.21 -10.50 -14.70
N LEU A 270 -4.48 -9.68 -13.68
CA LEU A 270 -4.83 -10.18 -12.35
C LEU A 270 -6.17 -10.92 -12.37
N MET A 271 -7.18 -10.39 -13.08
CA MET A 271 -8.47 -11.08 -13.21
C MET A 271 -8.33 -12.39 -13.94
N GLU A 272 -7.45 -12.44 -14.93
CA GLU A 272 -7.25 -13.64 -15.71
C GLU A 272 -6.46 -14.72 -14.98
N LEU A 273 -5.32 -14.36 -14.39
CA LEU A 273 -4.43 -15.35 -13.79
C LEU A 273 -4.74 -15.78 -12.37
N ALA A 274 -5.40 -14.95 -11.53
CA ALA A 274 -5.70 -15.38 -10.15
C ALA A 274 -6.68 -16.58 -10.19
N LYS A 275 -6.53 -17.50 -9.25
CA LYS A 275 -7.44 -18.65 -9.16
C LYS A 275 -8.66 -18.38 -8.25
N SER A 276 -8.71 -17.20 -7.59
CA SER A 276 -9.79 -16.80 -6.69
CA SER A 276 -9.81 -16.81 -6.72
C SER A 276 -11.20 -17.11 -7.30
N GLN A 277 -12.05 -17.81 -6.52
CA GLN A 277 -13.42 -18.06 -6.95
C GLN A 277 -14.28 -16.78 -6.88
N ASP A 278 -13.86 -15.77 -6.09
CA ASP A 278 -14.63 -14.55 -5.93
C ASP A 278 -13.75 -13.36 -6.36
N LYS A 279 -13.83 -12.95 -7.63
CA LYS A 279 -13.05 -11.83 -8.14
C LYS A 279 -13.90 -10.92 -9.00
N THR A 280 -13.75 -9.62 -8.77
CA THR A 280 -14.56 -8.61 -9.46
C THR A 280 -13.68 -7.45 -9.87
N LEU A 281 -13.87 -6.96 -11.10
CA LEU A 281 -13.12 -5.81 -11.61
C LEU A 281 -14.11 -4.70 -11.95
N LYS A 282 -13.79 -3.48 -11.53
CA LYS A 282 -14.56 -2.31 -11.93
C LYS A 282 -13.56 -1.36 -12.58
N ILE A 283 -13.80 -1.02 -13.86
CA ILE A 283 -12.97 -0.09 -14.60
C ILE A 283 -13.62 1.28 -14.55
N TYR A 284 -12.80 2.33 -14.24
CA TYR A 284 -13.27 3.71 -14.25
C TYR A 284 -12.73 4.38 -15.51
N GLU A 285 -13.61 4.59 -16.50
CA GLU A 285 -13.26 5.11 -17.82
C GLU A 285 -12.73 6.53 -17.73
N GLY A 286 -11.50 6.71 -18.19
CA GLY A 286 -10.83 8.01 -18.22
C GLY A 286 -10.17 8.41 -16.90
N ALA A 287 -10.37 7.61 -15.83
CA ALA A 287 -9.80 7.98 -14.54
C ALA A 287 -8.31 7.73 -14.44
N TYR A 288 -7.64 8.53 -13.64
CA TYR A 288 -6.20 8.39 -13.44
C TYR A 288 -5.85 7.39 -12.32
N HIS A 289 -4.58 7.32 -11.95
CA HIS A 289 -4.12 6.36 -10.96
C HIS A 289 -4.84 6.38 -9.60
N VAL A 290 -4.90 7.53 -8.92
CA VAL A 290 -5.33 7.55 -7.50
C VAL A 290 -6.81 7.66 -7.41
N LEU A 291 -7.51 6.52 -7.54
CA LEU A 291 -8.97 6.50 -7.63
C LEU A 291 -9.71 7.01 -6.42
N HIS A 292 -9.13 6.84 -5.23
CA HIS A 292 -9.75 7.35 -3.99
C HIS A 292 -9.47 8.86 -3.76
N LYS A 293 -8.73 9.51 -4.66
CA LYS A 293 -8.42 10.95 -4.60
C LYS A 293 -8.61 11.53 -6.01
N GLU A 294 -9.65 11.03 -6.73
CA GLU A 294 -9.94 11.42 -8.10
C GLU A 294 -11.13 12.43 -8.13
N LEU A 295 -11.80 12.60 -9.27
CA LEU A 295 -12.96 13.49 -9.37
C LEU A 295 -14.06 12.96 -8.44
N PRO A 296 -14.83 13.83 -7.78
CA PRO A 296 -15.85 13.33 -6.83
C PRO A 296 -16.74 12.22 -7.35
N GLU A 297 -17.12 12.24 -8.63
CA GLU A 297 -17.97 11.16 -9.20
C GLU A 297 -17.28 9.79 -9.08
N VAL A 298 -15.97 9.76 -9.33
CA VAL A 298 -15.16 8.57 -9.26
C VAL A 298 -14.91 8.19 -7.80
N THR A 299 -14.45 9.15 -6.97
CA THR A 299 -14.17 8.85 -5.57
C THR A 299 -15.39 8.42 -4.80
N ASN A 300 -16.56 9.07 -5.01
CA ASN A 300 -17.81 8.64 -4.36
C ASN A 300 -18.16 7.20 -4.77
N SER A 301 -17.99 6.88 -6.06
CA SER A 301 -18.26 5.51 -6.55
C SER A 301 -17.29 4.51 -5.89
N VAL A 302 -16.01 4.85 -5.80
CA VAL A 302 -15.02 3.97 -5.15
C VAL A 302 -15.42 3.66 -3.71
N PHE A 303 -15.76 4.68 -2.93
CA PHE A 303 -16.19 4.48 -1.53
C PHE A 303 -17.45 3.61 -1.48
N HIS A 304 -18.42 3.88 -2.35
CA HIS A 304 -19.66 3.11 -2.40
C HIS A 304 -19.41 1.65 -2.73
N GLU A 305 -18.53 1.36 -3.71
CA GLU A 305 -18.28 -0.01 -4.13
C GLU A 305 -17.52 -0.83 -3.11
N ILE A 306 -16.58 -0.18 -2.41
CA ILE A 306 -15.84 -0.86 -1.35
C ILE A 306 -16.81 -1.16 -0.18
N ASN A 307 -17.70 -0.21 0.13
CA ASN A 307 -18.70 -0.34 1.19
C ASN A 307 -19.62 -1.54 0.88
N MET A 308 -20.10 -1.65 -0.37
CA MET A 308 -20.98 -2.75 -0.76
C MET A 308 -20.24 -4.07 -0.71
N TRP A 309 -19.02 -4.11 -1.26
CA TRP A 309 -18.25 -5.33 -1.33
C TRP A 309 -17.90 -5.89 0.06
N VAL A 310 -17.41 -5.03 0.96
CA VAL A 310 -17.08 -5.43 2.32
C VAL A 310 -18.35 -5.75 3.13
N SER A 311 -19.43 -4.97 2.94
CA SER A 311 -20.71 -5.21 3.65
C SER A 311 -21.26 -6.57 3.32
N GLN A 312 -21.17 -6.97 2.04
CA GLN A 312 -21.66 -8.28 1.58
C GLN A 312 -20.80 -9.45 2.13
N ARG A 313 -19.55 -9.18 2.49
CA ARG A 313 -18.65 -10.20 2.98
C ARG A 313 -18.39 -10.14 4.48
N THR A 314 -19.16 -9.32 5.23
CA THR A 314 -19.04 -9.21 6.70
C THR A 314 -20.40 -9.37 7.39
N ALA A 315 -20.40 -9.80 8.66
CA ALA A 315 -21.65 -10.00 9.41
C ALA A 315 -21.46 -10.01 10.93
#